data_6BC3
#
_entry.id   6BC3
#
_cell.length_a   77.534
_cell.length_b   77.534
_cell.length_c   83.890
_cell.angle_alpha   90.00
_cell.angle_beta   90.00
_cell.angle_gamma   120.00
#
_symmetry.space_group_name_H-M   'P 61'
#
loop_
_entity.id
_entity.type
_entity.pdbx_description
1 polymer 'AAC 3-VI protein'
2 non-polymer 'COENZYME A'
3 non-polymer '(1S,2S,3R,4S,6R)-4,6-diamino-3-{[(2S,3R)-3-amino-6-(aminomethyl)-3,4-dihydro-2H-pyran-2-yl]oxy}-2-hydroxycyclohexyl 3-deoxy-4-C-methyl-3-(methylamino)-beta-L-arabinopyranoside'
4 water water
#
_entity_poly.entity_id   1
_entity_poly.type   'polypeptide(L)'
_entity_poly.pdbx_seq_one_letter_code
;GSHMTDPRKNGDLHEPATAPATPWSKSELVRQLRDLGVRSGDMVMPHVSLRAVGPLADGPQTLVDALIEAVGPTGNILAF
VSWRDSPYEQTLGHDAPPAAIAQSWPAFDPDHAPAYPGFGAINEFIRTYPGCRRTAHPDASMAAIGPDAAWLVAPHEMGA
AYGPRSPIARFLAHAGKILSIGAGPDAVTALHYAEAVARIEGKRRVTYSMPLLREGKRVWVTTSDWDSNGILDEYAAPDG
PDAVERIARDYLARTRVAQGPVGGAQSRLIDAADIVSFGIEWLEARHAAPAAAALKPKQRRD
;
_entity_poly.pdbx_strand_id   A
#
loop_
_chem_comp.id
_chem_comp.type
_chem_comp.name
_chem_comp.formula
COA non-polymer 'COENZYME A' 'C21 H36 N7 O16 P3 S'
SIS non-polymer '(1S,2S,3R,4S,6R)-4,6-diamino-3-{[(2S,3R)-3-amino-6-(aminomethyl)-3,4-dihydro-2H-pyran-2-yl]oxy}-2-hydroxycyclohexyl 3-deoxy-4-C-methyl-3-(methylamino)-beta-L-arabinopyranoside' 'C19 H37 N5 O7'
#
# COMPACT_ATOMS: atom_id res chain seq x y z
N THR A 22 15.37 -16.50 -20.79
CA THR A 22 16.48 -15.92 -20.05
C THR A 22 15.97 -14.97 -18.98
N PRO A 23 16.37 -15.20 -17.73
CA PRO A 23 15.86 -14.37 -16.63
C PRO A 23 16.31 -12.92 -16.76
N TRP A 24 15.43 -12.01 -16.36
CA TRP A 24 15.76 -10.59 -16.36
C TRP A 24 16.85 -10.29 -15.34
N SER A 25 17.82 -9.48 -15.73
CA SER A 25 18.90 -9.09 -14.85
C SER A 25 18.54 -7.81 -14.09
N LYS A 26 19.31 -7.52 -13.05
CA LYS A 26 19.09 -6.31 -12.28
C LYS A 26 19.34 -5.07 -13.13
N SER A 27 20.39 -5.09 -13.96
N SER A 27 20.39 -5.09 -13.96
CA SER A 27 20.70 -3.93 -14.80
CA SER A 27 20.71 -3.94 -14.80
C SER A 27 19.63 -3.72 -15.86
C SER A 27 19.63 -3.72 -15.86
N GLU A 28 19.05 -4.80 -16.37
CA GLU A 28 17.98 -4.66 -17.37
C GLU A 28 16.75 -4.00 -16.75
N LEU A 29 16.40 -4.36 -15.52
CA LEU A 29 15.24 -3.78 -14.86
C LEU A 29 15.46 -2.31 -14.55
N VAL A 30 16.67 -1.95 -14.13
CA VAL A 30 16.97 -0.56 -13.82
C VAL A 30 16.82 0.31 -15.07
N ARG A 31 17.29 -0.18 -16.21
CA ARG A 31 17.12 0.55 -17.46
C ARG A 31 15.64 0.70 -17.80
N GLN A 32 14.85 -0.35 -17.59
CA GLN A 32 13.41 -0.26 -17.83
C GLN A 32 12.76 0.73 -16.88
N LEU A 33 13.14 0.70 -15.59
CA LEU A 33 12.60 1.66 -14.64
C LEU A 33 13.02 3.08 -15.00
N ARG A 34 14.23 3.26 -15.53
CA ARG A 34 14.65 4.58 -15.97
C ARG A 34 13.84 5.08 -17.16
N ASP A 35 13.60 4.20 -18.14
CA ASP A 35 12.78 4.60 -19.28
C ASP A 35 11.37 4.95 -18.84
N LEU A 36 10.85 4.27 -17.82
CA LEU A 36 9.49 4.54 -17.36
C LEU A 36 9.40 5.91 -16.69
N GLY A 37 10.50 6.41 -16.15
CA GLY A 37 10.50 7.74 -15.56
C GLY A 37 10.94 7.77 -14.10
N VAL A 38 11.42 6.63 -13.60
CA VAL A 38 11.91 6.57 -12.22
C VAL A 38 13.28 7.22 -12.17
N ARG A 39 13.44 8.21 -11.31
CA ARG A 39 14.68 8.96 -11.18
C ARG A 39 15.26 8.78 -9.79
N SER A 40 16.58 8.94 -9.69
CA SER A 40 17.25 8.89 -8.39
C SER A 40 16.70 9.98 -7.49
N GLY A 41 16.27 9.59 -6.29
CA GLY A 41 15.66 10.49 -5.35
C GLY A 41 14.15 10.40 -5.27
N ASP A 42 13.51 9.69 -6.20
CA ASP A 42 12.07 9.54 -6.19
C ASP A 42 11.61 8.72 -4.97
N MET A 43 10.39 9.01 -4.53
CA MET A 43 9.70 8.21 -3.52
C MET A 43 8.64 7.39 -4.24
N VAL A 44 8.83 6.08 -4.26
CA VAL A 44 8.07 5.18 -5.11
C VAL A 44 7.28 4.19 -4.26
N MET A 45 6.02 3.97 -4.62
CA MET A 45 5.18 2.96 -3.99
C MET A 45 4.85 1.87 -5.00
N PRO A 46 5.44 0.69 -4.90
CA PRO A 46 5.21 -0.35 -5.92
C PRO A 46 4.02 -1.25 -5.62
N HIS A 47 3.32 -1.62 -6.70
CA HIS A 47 2.30 -2.67 -6.69
C HIS A 47 2.67 -3.64 -7.79
N VAL A 48 3.03 -4.87 -7.43
CA VAL A 48 3.75 -5.77 -8.32
C VAL A 48 2.98 -7.07 -8.48
N SER A 49 2.99 -7.61 -9.70
CA SER A 49 2.58 -8.98 -10.00
C SER A 49 3.82 -9.71 -10.49
N LEU A 50 4.38 -10.58 -9.64
CA LEU A 50 5.63 -11.25 -10.00
C LEU A 50 5.42 -12.24 -11.15
N ARG A 51 4.23 -12.84 -11.26
CA ARG A 51 3.96 -13.70 -12.41
C ARG A 51 3.97 -12.91 -13.71
N ALA A 52 3.55 -11.65 -13.67
CA ALA A 52 3.60 -10.82 -14.88
C ALA A 52 5.03 -10.38 -15.20
N VAL A 53 5.87 -10.22 -14.17
CA VAL A 53 7.25 -9.81 -14.40
C VAL A 53 8.03 -10.89 -15.13
N GLY A 54 7.81 -12.16 -14.77
CA GLY A 54 8.53 -13.25 -15.37
C GLY A 54 9.73 -13.65 -14.53
N PRO A 55 10.48 -14.65 -14.99
CA PRO A 55 11.61 -15.14 -14.21
C PRO A 55 12.70 -14.08 -14.08
N LEU A 56 13.22 -13.94 -12.87
CA LEU A 56 14.28 -13.00 -12.56
C LEU A 56 15.57 -13.76 -12.30
N ALA A 57 16.70 -13.03 -12.36
CA ALA A 57 18.01 -13.66 -12.25
C ALA A 57 18.17 -14.37 -10.92
N ASP A 58 17.87 -13.68 -9.82
CA ASP A 58 17.95 -14.26 -8.47
C ASP A 58 16.60 -14.19 -7.77
N GLY A 59 15.53 -14.47 -8.50
CA GLY A 59 14.20 -14.46 -7.95
C GLY A 59 13.70 -13.06 -7.65
N PRO A 60 12.66 -12.97 -6.83
CA PRO A 60 12.06 -11.65 -6.54
C PRO A 60 13.04 -10.63 -5.95
N GLN A 61 14.15 -11.08 -5.37
CA GLN A 61 15.13 -10.13 -4.83
C GLN A 61 15.74 -9.29 -5.92
N THR A 62 15.83 -9.82 -7.15
CA THR A 62 16.38 -9.06 -8.26
C THR A 62 15.57 -7.78 -8.51
N LEU A 63 14.24 -7.89 -8.47
CA LEU A 63 13.41 -6.71 -8.66
C LEU A 63 13.54 -5.74 -7.49
N VAL A 64 13.70 -6.25 -6.28
CA VAL A 64 13.88 -5.39 -5.12
C VAL A 64 15.17 -4.59 -5.23
N ASP A 65 16.26 -5.25 -5.64
CA ASP A 65 17.53 -4.55 -5.81
C ASP A 65 17.44 -3.50 -6.90
N ALA A 66 16.74 -3.81 -8.00
CA ALA A 66 16.60 -2.85 -9.08
C ALA A 66 15.79 -1.63 -8.65
N LEU A 67 14.73 -1.87 -7.86
CA LEU A 67 13.93 -0.75 -7.36
C LEU A 67 14.75 0.19 -6.48
N ILE A 68 15.62 -0.38 -5.64
CA ILE A 68 16.39 0.44 -4.71
C ILE A 68 17.48 1.20 -5.44
N GLU A 69 18.10 0.58 -6.45
CA GLU A 69 19.07 1.30 -7.26
C GLU A 69 18.41 2.40 -8.08
N ALA A 70 17.18 2.17 -8.54
CA ALA A 70 16.49 3.17 -9.35
C ALA A 70 16.17 4.41 -8.54
N VAL A 71 15.73 4.25 -7.29
CA VAL A 71 15.39 5.40 -6.47
C VAL A 71 16.63 6.08 -5.89
N GLY A 72 17.77 5.39 -5.85
CA GLY A 72 19.00 5.97 -5.38
C GLY A 72 19.11 6.02 -3.87
N PRO A 73 20.20 6.62 -3.37
CA PRO A 73 20.40 6.66 -1.92
C PRO A 73 19.52 7.68 -1.22
N THR A 74 19.13 8.75 -1.93
CA THR A 74 18.22 9.74 -1.38
C THR A 74 16.77 9.46 -1.71
N GLY A 75 16.48 8.40 -2.47
CA GLY A 75 15.12 8.01 -2.77
C GLY A 75 14.54 7.11 -1.70
N ASN A 76 13.26 6.81 -1.85
CA ASN A 76 12.54 6.01 -0.87
C ASN A 76 11.61 5.03 -1.57
N ILE A 77 11.35 3.92 -0.88
CA ILE A 77 10.39 2.91 -1.31
C ILE A 77 9.38 2.71 -0.19
N LEU A 78 8.10 2.81 -0.52
CA LEU A 78 7.02 2.62 0.45
C LEU A 78 6.08 1.56 -0.08
N ALA A 79 5.76 0.57 0.75
CA ALA A 79 4.94 -0.55 0.31
C ALA A 79 3.90 -0.89 1.38
N PHE A 80 2.67 -1.13 0.93
CA PHE A 80 1.61 -1.62 1.80
C PHE A 80 1.74 -3.13 1.90
N VAL A 81 2.29 -3.60 3.01
CA VAL A 81 2.58 -5.01 3.18
C VAL A 81 1.61 -5.69 4.14
N SER A 82 0.99 -4.96 5.05
CA SER A 82 -0.04 -5.47 5.98
C SER A 82 0.59 -6.57 6.83
N TRP A 83 -0.15 -7.62 7.17
CA TRP A 83 0.32 -8.67 8.07
C TRP A 83 -0.38 -9.96 7.69
N ARG A 84 0.41 -11.05 7.59
CA ARG A 84 -0.16 -12.33 7.19
C ARG A 84 -1.21 -12.83 8.18
N ASP A 85 -1.02 -12.55 9.47
CA ASP A 85 -1.89 -13.06 10.52
C ASP A 85 -2.72 -11.95 11.18
N SER A 86 -3.14 -10.98 10.38
CA SER A 86 -3.96 -9.89 10.92
C SER A 86 -5.34 -10.42 11.30
N PRO A 87 -5.78 -10.21 12.55
CA PRO A 87 -7.10 -10.69 13.00
C PRO A 87 -8.24 -9.78 12.58
N TYR A 88 -8.30 -9.45 11.29
CA TYR A 88 -9.30 -8.51 10.79
C TYR A 88 -10.70 -9.13 10.85
N GLU A 89 -10.92 -10.22 10.10
CA GLU A 89 -12.23 -10.85 10.12
C GLU A 89 -12.56 -11.46 11.47
N GLN A 90 -11.55 -11.90 12.22
CA GLN A 90 -11.78 -12.51 13.52
C GLN A 90 -12.31 -11.52 14.55
N THR A 91 -12.06 -10.22 14.37
CA THR A 91 -12.53 -9.20 15.28
C THR A 91 -13.45 -8.18 14.61
N LEU A 92 -13.81 -8.38 13.35
CA LEU A 92 -14.63 -7.41 12.63
C LEU A 92 -16.01 -7.30 13.26
N GLY A 93 -16.45 -6.07 13.48
CA GLY A 93 -17.78 -5.83 13.99
C GLY A 93 -17.99 -6.11 15.46
N HIS A 94 -16.92 -6.15 16.24
CA HIS A 94 -17.01 -6.41 17.68
C HIS A 94 -16.45 -5.25 18.46
N ASP A 95 -17.02 -5.00 19.64
CA ASP A 95 -16.51 -3.99 20.55
C ASP A 95 -15.18 -4.37 21.18
N ALA A 96 -14.76 -5.62 21.04
CA ALA A 96 -13.54 -6.12 21.65
C ALA A 96 -13.19 -7.45 20.99
N PRO A 97 -11.93 -7.87 21.04
CA PRO A 97 -11.56 -9.17 20.49
C PRO A 97 -12.29 -10.28 21.24
N PRO A 98 -12.90 -11.22 20.51
CA PRO A 98 -13.51 -12.38 21.16
C PRO A 98 -12.50 -13.08 22.08
N ALA A 99 -13.04 -13.79 23.07
CA ALA A 99 -12.21 -14.30 24.16
C ALA A 99 -11.10 -15.20 23.64
N ALA A 100 -11.43 -16.13 22.74
CA ALA A 100 -10.41 -17.04 22.22
C ALA A 100 -9.34 -16.29 21.45
N ILE A 101 -9.74 -15.30 20.65
CA ILE A 101 -8.77 -14.51 19.90
C ILE A 101 -7.90 -13.67 20.83
N ALA A 102 -8.52 -13.04 21.84
CA ALA A 102 -7.81 -12.09 22.67
C ALA A 102 -6.73 -12.75 23.51
N GLN A 103 -6.93 -14.01 23.91
CA GLN A 103 -6.00 -14.62 24.86
C GLN A 103 -4.71 -15.07 24.18
N SER A 104 -4.79 -15.62 22.96
CA SER A 104 -3.67 -16.31 22.38
C SER A 104 -3.14 -15.71 21.08
N TRP A 105 -3.78 -14.68 20.53
CA TRP A 105 -3.32 -14.16 19.24
C TRP A 105 -1.96 -13.51 19.41
N PRO A 106 -1.04 -13.73 18.46
CA PRO A 106 0.29 -13.13 18.57
C PRO A 106 0.23 -11.61 18.46
N ALA A 107 1.09 -10.95 19.25
CA ALA A 107 1.23 -9.50 19.13
C ALA A 107 1.95 -9.16 17.83
N PHE A 108 1.56 -8.03 17.23
CA PHE A 108 2.18 -7.59 15.99
C PHE A 108 3.57 -7.06 16.29
N ASP A 109 4.59 -7.86 15.99
CA ASP A 109 5.97 -7.44 16.09
C ASP A 109 6.40 -6.90 14.72
N PRO A 110 6.46 -5.58 14.55
CA PRO A 110 6.66 -5.03 13.21
C PRO A 110 7.94 -5.50 12.53
N ASP A 111 9.03 -5.69 13.27
CA ASP A 111 10.27 -6.14 12.67
C ASP A 111 10.34 -7.64 12.48
N HIS A 112 9.26 -8.38 12.78
CA HIS A 112 9.29 -9.83 12.66
C HIS A 112 8.01 -10.42 12.07
N ALA A 113 7.01 -9.60 11.72
CA ALA A 113 5.74 -10.14 11.25
C ALA A 113 5.73 -10.25 9.73
N PRO A 114 5.41 -11.41 9.18
CA PRO A 114 5.41 -11.56 7.72
C PRO A 114 4.30 -10.76 7.07
N ALA A 115 4.55 -10.33 5.83
CA ALA A 115 3.58 -9.55 5.10
C ALA A 115 2.40 -10.42 4.65
N TYR A 116 1.30 -9.76 4.34
CA TYR A 116 0.13 -10.46 3.83
C TYR A 116 0.39 -10.95 2.41
N PRO A 117 0.39 -12.26 2.16
CA PRO A 117 0.78 -12.74 0.82
C PRO A 117 -0.17 -12.31 -0.28
N GLY A 118 -1.43 -12.02 0.04
CA GLY A 118 -2.39 -11.65 -0.98
C GLY A 118 -2.11 -10.33 -1.65
N PHE A 119 -1.32 -9.47 -1.04
CA PHE A 119 -0.99 -8.17 -1.60
C PHE A 119 0.30 -8.18 -2.40
N GLY A 120 0.86 -9.36 -2.68
CA GLY A 120 2.06 -9.44 -3.50
C GLY A 120 3.19 -10.13 -2.74
N ALA A 121 3.74 -11.17 -3.35
CA ALA A 121 4.87 -11.89 -2.78
C ALA A 121 6.12 -11.02 -2.68
N ILE A 122 6.17 -9.93 -3.45
CA ILE A 122 7.33 -9.04 -3.41
C ILE A 122 7.46 -8.38 -2.04
N ASN A 123 6.35 -8.22 -1.32
CA ASN A 123 6.37 -7.42 -0.11
C ASN A 123 7.14 -8.08 1.03
N GLU A 124 7.17 -9.42 1.06
CA GLU A 124 7.98 -10.09 2.07
C GLU A 124 9.47 -9.91 1.79
N PHE A 125 9.85 -9.75 0.51
CA PHE A 125 11.23 -9.42 0.18
C PHE A 125 11.54 -7.97 0.51
N ILE A 126 10.57 -7.07 0.31
CA ILE A 126 10.77 -5.68 0.66
C ILE A 126 10.85 -5.51 2.18
N ARG A 127 9.97 -6.20 2.90
CA ARG A 127 9.91 -6.06 4.36
C ARG A 127 11.23 -6.48 5.01
N THR A 128 11.87 -7.53 4.49
CA THR A 128 13.07 -8.08 5.10
C THR A 128 14.36 -7.48 4.56
N TYR A 129 14.27 -6.45 3.72
CA TYR A 129 15.48 -5.79 3.26
C TYR A 129 16.18 -5.11 4.43
N PRO A 130 17.51 -5.20 4.51
CA PRO A 130 18.21 -4.59 5.65
C PRO A 130 17.99 -3.08 5.69
N GLY A 131 17.61 -2.58 6.86
CA GLY A 131 17.31 -1.18 7.04
C GLY A 131 15.86 -0.80 6.82
N CYS A 132 15.03 -1.74 6.38
CA CYS A 132 13.63 -1.44 6.14
C CYS A 132 12.90 -1.18 7.46
N ARG A 133 11.98 -0.23 7.44
CA ARG A 133 11.19 0.12 8.61
C ARG A 133 9.74 -0.33 8.42
N ARG A 134 9.05 -0.52 9.54
CA ARG A 134 7.70 -1.07 9.55
C ARG A 134 6.81 -0.23 10.45
N THR A 135 5.61 0.10 9.98
CA THR A 135 4.66 0.83 10.80
C THR A 135 3.99 -0.10 11.80
N ALA A 136 3.52 0.48 12.90
CA ALA A 136 2.95 -0.27 14.00
C ALA A 136 1.46 -0.59 13.83
N HIS A 137 0.87 -0.24 12.68
CA HIS A 137 -0.53 -0.59 12.42
C HIS A 137 -0.57 -2.00 11.86
N PRO A 138 -1.07 -2.98 12.62
CA PRO A 138 -0.94 -4.38 12.18
C PRO A 138 -1.66 -4.69 10.88
N ASP A 139 -2.86 -4.15 10.67
CA ASP A 139 -3.62 -4.48 9.47
C ASP A 139 -3.22 -3.62 8.27
N ALA A 140 -2.91 -2.34 8.49
CA ALA A 140 -2.51 -1.45 7.41
C ALA A 140 -1.01 -1.22 7.37
N SER A 141 -0.23 -2.22 7.78
CA SER A 141 1.21 -2.02 7.97
C SER A 141 1.91 -1.65 6.67
N MET A 142 2.77 -0.64 6.76
N MET A 142 2.77 -0.65 6.75
CA MET A 142 3.55 -0.18 5.62
CA MET A 142 3.55 -0.18 5.62
C MET A 142 5.03 -0.46 5.88
C MET A 142 5.03 -0.44 5.87
N ALA A 143 5.77 -0.72 4.80
CA ALA A 143 7.20 -0.93 4.85
C ALA A 143 7.88 0.18 4.07
N ALA A 144 8.97 0.72 4.60
CA ALA A 144 9.64 1.85 3.99
C ALA A 144 11.15 1.66 4.04
N ILE A 145 11.81 1.93 2.91
CA ILE A 145 13.26 1.88 2.78
C ILE A 145 13.75 3.23 2.29
N GLY A 146 14.74 3.79 2.97
CA GLY A 146 15.33 5.03 2.55
C GLY A 146 15.51 6.03 3.69
N PRO A 147 16.03 7.21 3.36
CA PRO A 147 16.26 8.22 4.41
C PRO A 147 14.99 8.69 5.09
N ASP A 148 13.86 8.71 4.39
CA ASP A 148 12.59 9.13 4.96
C ASP A 148 11.78 7.97 5.50
N ALA A 149 12.39 6.79 5.67
CA ALA A 149 11.64 5.61 6.10
C ALA A 149 11.06 5.80 7.49
N ALA A 150 11.85 6.35 8.42
CA ALA A 150 11.34 6.57 9.77
C ALA A 150 10.19 7.56 9.78
N TRP A 151 10.32 8.66 9.03
CA TRP A 151 9.25 9.65 8.97
C TRP A 151 8.01 9.08 8.29
N LEU A 152 8.19 8.18 7.33
CA LEU A 152 7.04 7.58 6.64
C LEU A 152 6.28 6.63 7.55
N VAL A 153 6.99 5.82 8.34
CA VAL A 153 6.35 4.73 9.07
C VAL A 153 5.69 5.18 10.37
N ALA A 154 6.15 6.28 10.96
CA ALA A 154 5.61 6.69 12.26
C ALA A 154 5.16 8.14 12.19
N PRO A 155 3.99 8.46 12.76
CA PRO A 155 3.11 7.51 13.46
C PRO A 155 2.16 6.77 12.53
N HIS A 156 1.59 5.66 13.03
CA HIS A 156 0.55 4.92 12.31
C HIS A 156 -0.38 4.32 13.36
N GLU A 157 -1.27 5.15 13.87
CA GLU A 157 -2.18 4.75 14.94
C GLU A 157 -3.38 4.01 14.38
N MET A 158 -4.00 3.21 15.24
CA MET A 158 -5.29 2.62 14.91
C MET A 158 -6.32 3.72 14.73
N GLY A 159 -7.15 3.58 13.69
CA GLY A 159 -8.09 4.61 13.32
C GLY A 159 -7.58 5.60 12.30
N ALA A 160 -6.34 5.44 11.83
CA ALA A 160 -5.77 6.27 10.78
C ALA A 160 -4.99 5.37 9.82
N ALA A 161 -5.71 4.43 9.20
CA ALA A 161 -5.06 3.40 8.40
C ALA A 161 -4.50 3.97 7.11
N TYR A 162 -5.30 4.72 6.35
CA TYR A 162 -4.89 5.21 5.05
C TYR A 162 -5.22 6.67 4.82
N GLY A 163 -5.85 7.36 5.77
CA GLY A 163 -6.19 8.75 5.61
C GLY A 163 -5.15 9.68 6.19
N PRO A 164 -5.58 10.83 6.69
CA PRO A 164 -4.64 11.74 7.35
C PRO A 164 -3.95 11.08 8.54
N ARG A 165 -2.71 11.49 8.77
CA ARG A 165 -1.79 10.99 9.79
C ARG A 165 -1.26 9.60 9.48
N SER A 166 -1.60 9.01 8.34
CA SER A 166 -1.09 7.70 7.95
C SER A 166 0.14 7.85 7.09
N PRO A 167 0.91 6.79 6.90
CA PRO A 167 2.02 6.85 5.94
C PRO A 167 1.59 7.25 4.54
N ILE A 168 0.35 6.94 4.15
CA ILE A 168 -0.15 7.36 2.85
C ILE A 168 -0.21 8.87 2.76
N ALA A 169 -0.67 9.54 3.81
CA ALA A 169 -0.79 10.99 3.80
C ALA A 169 0.57 11.65 3.63
N ARG A 170 1.56 11.18 4.40
CA ARG A 170 2.91 11.73 4.27
C ARG A 170 3.52 11.39 2.91
N PHE A 171 3.21 10.19 2.40
CA PHE A 171 3.62 9.84 1.04
C PHE A 171 3.04 10.80 0.02
N LEU A 172 1.79 11.23 0.22
CA LEU A 172 1.17 12.17 -0.71
C LEU A 172 1.76 13.57 -0.58
N ALA A 173 2.25 13.94 0.61
CA ALA A 173 2.85 15.24 0.81
C ALA A 173 4.32 15.29 0.40
N HIS A 174 4.84 14.23 -0.19
CA HIS A 174 6.25 14.15 -0.54
C HIS A 174 6.44 13.79 -2.02
N ALA A 175 5.50 14.20 -2.87
CA ALA A 175 5.58 13.99 -4.32
C ALA A 175 5.80 12.52 -4.67
N GLY A 176 5.04 11.65 -4.01
CA GLY A 176 5.20 10.23 -4.23
C GLY A 176 4.74 9.79 -5.61
N LYS A 177 5.34 8.72 -6.09
CA LYS A 177 5.00 8.11 -7.37
C LYS A 177 4.51 6.69 -7.14
N ILE A 178 3.40 6.33 -7.76
CA ILE A 178 2.82 5.01 -7.66
C ILE A 178 3.28 4.19 -8.86
N LEU A 179 4.00 3.11 -8.59
CA LEU A 179 4.58 2.25 -9.63
C LEU A 179 3.80 0.93 -9.65
N SER A 180 2.92 0.79 -10.62
CA SER A 180 2.17 -0.44 -10.82
C SER A 180 2.92 -1.32 -11.81
N ILE A 181 3.46 -2.45 -11.33
CA ILE A 181 4.18 -3.37 -12.19
C ILE A 181 3.32 -4.59 -12.45
N GLY A 182 2.55 -4.57 -13.53
CA GLY A 182 1.66 -5.67 -13.85
C GLY A 182 0.45 -5.80 -12.96
N ALA A 183 0.21 -4.85 -12.06
CA ALA A 183 -0.92 -4.89 -11.16
C ALA A 183 -2.12 -4.17 -11.77
N GLY A 184 -3.32 -4.62 -11.41
CA GLY A 184 -4.54 -4.03 -11.90
C GLY A 184 -4.83 -2.71 -11.25
N PRO A 185 -5.83 -2.01 -11.79
CA PRO A 185 -6.19 -0.69 -11.23
C PRO A 185 -6.72 -0.76 -9.82
N ASP A 186 -7.18 -1.93 -9.36
CA ASP A 186 -7.67 -2.07 -8.00
C ASP A 186 -6.56 -1.97 -6.96
N ALA A 187 -5.30 -2.05 -7.37
CA ALA A 187 -4.19 -2.12 -6.43
C ALA A 187 -3.75 -0.75 -5.92
N VAL A 188 -4.29 0.34 -6.46
CA VAL A 188 -3.86 1.69 -6.05
C VAL A 188 -4.30 1.95 -4.62
N THR A 189 -3.50 1.49 -3.66
CA THR A 189 -3.86 1.63 -2.25
C THR A 189 -3.97 3.08 -1.82
N ALA A 190 -3.16 3.97 -2.43
CA ALA A 190 -3.17 5.37 -2.04
C ALA A 190 -4.52 6.04 -2.24
N LEU A 191 -5.38 5.49 -3.12
CA LEU A 191 -6.70 6.06 -3.32
C LEU A 191 -7.61 5.91 -2.11
N HIS A 192 -7.22 5.09 -1.12
CA HIS A 192 -7.99 5.04 0.12
C HIS A 192 -7.90 6.33 0.90
N TYR A 193 -6.86 7.14 0.67
CA TYR A 193 -6.83 8.48 1.25
C TYR A 193 -7.95 9.34 0.69
N ALA A 194 -8.18 9.26 -0.62
CA ALA A 194 -9.26 10.02 -1.24
C ALA A 194 -10.61 9.62 -0.65
N GLU A 195 -10.80 8.32 -0.38
CA GLU A 195 -12.02 7.88 0.27
C GLU A 195 -12.13 8.44 1.68
N ALA A 196 -11.01 8.52 2.40
CA ALA A 196 -11.03 8.93 3.79
C ALA A 196 -11.45 10.39 3.94
N VAL A 197 -11.00 11.25 3.02
CA VAL A 197 -11.24 12.69 3.15
C VAL A 197 -12.38 13.19 2.27
N ALA A 198 -12.95 12.33 1.43
CA ALA A 198 -14.05 12.76 0.56
C ALA A 198 -15.25 13.18 1.40
N ARG A 199 -15.81 14.35 1.07
CA ARG A 199 -16.95 14.90 1.80
C ARG A 199 -18.23 14.38 1.13
N ILE A 200 -18.53 13.12 1.38
CA ILE A 200 -19.70 12.46 0.80
C ILE A 200 -20.50 11.79 1.90
N GLU A 201 -21.79 11.59 1.62
CA GLU A 201 -22.70 10.99 2.59
C GLU A 201 -22.64 9.47 2.51
N GLY A 202 -22.90 8.83 3.65
CA GLY A 202 -23.03 7.40 3.70
C GLY A 202 -21.74 6.61 3.62
N LYS A 203 -20.63 7.18 4.09
CA LYS A 203 -19.36 6.49 4.03
C LYS A 203 -19.34 5.31 5.01
N ARG A 204 -18.89 4.16 4.53
CA ARG A 204 -18.86 2.96 5.34
C ARG A 204 -17.70 3.01 6.34
N ARG A 205 -17.95 2.49 7.54
CA ARG A 205 -16.93 2.38 8.56
C ARG A 205 -16.93 0.95 9.11
N VAL A 206 -15.78 0.53 9.62
CA VAL A 206 -15.60 -0.81 10.17
C VAL A 206 -14.96 -0.71 11.54
N THR A 207 -15.21 -1.72 12.37
CA THR A 207 -14.64 -1.79 13.71
C THR A 207 -13.92 -3.12 13.86
N TYR A 208 -12.65 -3.07 14.27
CA TYR A 208 -11.86 -4.26 14.47
C TYR A 208 -10.86 -4.02 15.59
N SER A 209 -10.19 -5.09 16.00
CA SER A 209 -9.22 -5.04 17.09
C SER A 209 -7.89 -5.63 16.62
N MET A 210 -6.80 -4.98 17.02
CA MET A 210 -5.46 -5.40 16.63
C MET A 210 -4.57 -5.50 17.86
N PRO A 211 -3.74 -6.55 17.93
CA PRO A 211 -2.82 -6.68 19.07
C PRO A 211 -1.47 -6.02 18.80
N LEU A 212 -1.22 -4.89 19.45
CA LEU A 212 0.04 -4.18 19.29
C LEU A 212 1.08 -4.71 20.25
N LEU A 213 2.34 -4.47 19.91
CA LEU A 213 3.48 -4.81 20.77
C LEU A 213 4.11 -3.51 21.25
N ARG A 214 3.81 -3.11 22.47
CA ARG A 214 4.32 -1.88 23.07
C ARG A 214 5.20 -2.25 24.26
N GLU A 215 6.50 -2.00 24.14
CA GLU A 215 7.47 -2.27 25.19
C GLU A 215 7.45 -3.74 25.60
N GLY A 216 7.41 -4.63 24.60
CA GLY A 216 7.41 -6.05 24.85
C GLY A 216 6.11 -6.64 25.34
N LYS A 217 5.09 -5.81 25.57
CA LYS A 217 3.81 -6.25 26.12
C LYS A 217 2.73 -6.12 25.05
N ARG A 218 1.94 -7.17 24.89
CA ARG A 218 0.84 -7.14 23.92
C ARG A 218 -0.30 -6.27 24.44
N VAL A 219 -0.75 -5.34 23.62
CA VAL A 219 -1.83 -4.43 23.96
C VAL A 219 -2.89 -4.49 22.87
N TRP A 220 -4.09 -4.94 23.23
CA TRP A 220 -5.20 -4.98 22.29
C TRP A 220 -5.80 -3.59 22.13
N VAL A 221 -5.99 -3.16 20.88
CA VAL A 221 -6.56 -1.86 20.56
C VAL A 221 -7.74 -2.08 19.62
N THR A 222 -8.89 -1.53 19.99
CA THR A 222 -10.09 -1.58 19.18
C THR A 222 -10.38 -0.17 18.65
N THR A 223 -10.66 -0.06 17.37
CA THR A 223 -10.91 1.24 16.76
C THR A 223 -11.94 1.08 15.64
N SER A 224 -12.47 2.22 15.22
CA SER A 224 -13.27 2.32 14.01
C SER A 224 -12.48 3.11 12.97
N ASP A 225 -12.70 2.77 11.70
CA ASP A 225 -12.01 3.44 10.61
C ASP A 225 -12.84 3.25 9.35
N TRP A 226 -12.41 3.93 8.28
CA TRP A 226 -13.10 3.80 7.00
C TRP A 226 -12.92 2.40 6.44
N ASP A 227 -13.97 1.88 5.81
CA ASP A 227 -13.92 0.56 5.20
C ASP A 227 -12.98 0.59 4.00
N SER A 228 -11.88 -0.16 4.08
CA SER A 228 -10.92 -0.25 2.99
C SER A 228 -11.36 -1.22 1.90
N ASN A 229 -12.49 -1.89 2.07
CA ASN A 229 -13.07 -2.75 1.04
C ASN A 229 -14.22 -2.07 0.30
N GLY A 230 -14.25 -0.74 0.30
CA GLY A 230 -15.33 0.00 -0.34
C GLY A 230 -15.85 1.12 0.54
N ILE A 231 -15.71 2.36 0.08
CA ILE A 231 -16.12 3.50 0.91
C ILE A 231 -17.64 3.64 0.92
N LEU A 232 -18.32 3.20 -0.12
CA LEU A 232 -19.78 3.23 -0.19
C LEU A 232 -20.32 1.84 -0.46
N ASP A 233 -21.60 1.65 -0.12
CA ASP A 233 -22.23 0.34 -0.27
C ASP A 233 -22.13 -0.17 -1.70
N GLU A 234 -22.37 0.71 -2.68
CA GLU A 234 -22.34 0.30 -4.08
C GLU A 234 -20.94 -0.11 -4.53
N TYR A 235 -19.90 0.31 -3.81
CA TYR A 235 -18.52 -0.04 -4.14
C TYR A 235 -17.97 -1.17 -3.28
N ALA A 236 -18.79 -1.76 -2.42
CA ALA A 236 -18.31 -2.72 -1.43
C ALA A 236 -18.73 -4.16 -1.72
N ALA A 237 -19.50 -4.39 -2.77
CA ALA A 237 -19.80 -5.76 -3.16
C ALA A 237 -18.51 -6.47 -3.55
N PRO A 238 -18.29 -7.71 -3.11
CA PRO A 238 -17.03 -8.39 -3.40
C PRO A 238 -16.93 -8.99 -4.79
N ASP A 239 -17.86 -8.72 -5.71
CA ASP A 239 -17.83 -9.40 -6.99
C ASP A 239 -18.15 -8.55 -8.23
N GLY A 240 -17.83 -7.25 -8.28
CA GLY A 240 -17.33 -6.41 -7.21
C GLY A 240 -16.16 -5.46 -7.43
N PRO A 241 -16.21 -4.62 -8.46
CA PRO A 241 -15.19 -3.57 -8.58
C PRO A 241 -15.44 -2.47 -7.55
N ASP A 242 -14.41 -2.20 -6.73
CA ASP A 242 -14.56 -1.24 -5.65
C ASP A 242 -14.33 0.18 -6.17
N ALA A 243 -14.39 1.14 -5.25
CA ALA A 243 -14.19 2.53 -5.64
C ALA A 243 -12.77 2.78 -6.13
N VAL A 244 -11.79 2.06 -5.58
CA VAL A 244 -10.40 2.23 -6.02
C VAL A 244 -10.27 1.86 -7.49
N GLU A 245 -10.87 0.74 -7.90
CA GLU A 245 -10.75 0.30 -9.29
C GLU A 245 -11.47 1.25 -10.23
N ARG A 246 -12.68 1.70 -9.88
CA ARG A 246 -13.42 2.59 -10.75
C ARG A 246 -12.72 3.94 -10.91
N ILE A 247 -12.19 4.47 -9.81
CA ILE A 247 -11.48 5.76 -9.87
C ILE A 247 -10.21 5.63 -10.70
N ALA A 248 -9.43 4.57 -10.45
CA ALA A 248 -8.18 4.40 -11.18
C ALA A 248 -8.42 4.23 -12.67
N ARG A 249 -9.46 3.48 -13.05
CA ARG A 249 -9.74 3.27 -14.47
C ARG A 249 -10.20 4.56 -15.13
N ASP A 250 -11.06 5.33 -14.46
CA ASP A 250 -11.45 6.63 -14.99
C ASP A 250 -10.24 7.55 -15.11
N TYR A 251 -9.34 7.52 -14.13
CA TYR A 251 -8.16 8.35 -14.17
C TYR A 251 -7.22 7.94 -15.30
N LEU A 252 -6.91 6.65 -15.38
CA LEU A 252 -6.00 6.16 -16.42
C LEU A 252 -6.57 6.34 -17.81
N ALA A 253 -7.89 6.45 -17.95
CA ALA A 253 -8.51 6.67 -19.25
C ALA A 253 -8.44 8.12 -19.68
N ARG A 254 -8.19 9.06 -18.76
CA ARG A 254 -8.22 10.48 -19.04
C ARG A 254 -6.87 11.15 -18.88
N THR A 255 -5.85 10.44 -18.41
CA THR A 255 -4.59 11.05 -18.01
C THR A 255 -3.43 10.44 -18.79
N ARG A 256 -2.48 11.29 -19.19
CA ARG A 256 -1.25 10.81 -19.81
C ARG A 256 -0.32 10.31 -18.71
N VAL A 257 -0.07 9.00 -18.72
CA VAL A 257 0.75 8.34 -17.71
C VAL A 257 1.82 7.52 -18.42
N ALA A 258 3.07 7.65 -17.97
CA ALA A 258 4.15 6.89 -18.56
C ALA A 258 3.91 5.40 -18.39
N GLN A 259 3.86 4.68 -19.50
CA GLN A 259 3.65 3.24 -19.50
C GLN A 259 4.76 2.56 -20.28
N GLY A 260 5.22 1.42 -19.77
CA GLY A 260 6.29 0.68 -20.38
C GLY A 260 6.57 -0.62 -19.66
N PRO A 261 7.47 -1.43 -20.20
CA PRO A 261 7.74 -2.74 -19.59
C PRO A 261 8.71 -2.65 -18.42
N VAL A 262 8.45 -3.46 -17.41
CA VAL A 262 9.39 -3.76 -16.34
C VAL A 262 9.45 -5.27 -16.23
N GLY A 263 10.55 -5.85 -16.71
CA GLY A 263 10.54 -7.29 -16.91
C GLY A 263 9.59 -7.63 -18.05
N GLY A 264 8.71 -8.59 -17.80
CA GLY A 264 7.67 -8.93 -18.74
C GLY A 264 6.33 -8.29 -18.48
N ALA A 265 6.22 -7.47 -17.44
CA ALA A 265 4.97 -6.84 -17.05
C ALA A 265 4.90 -5.42 -17.56
N GLN A 266 3.74 -5.04 -18.10
CA GLN A 266 3.52 -3.65 -18.47
C GLN A 266 3.22 -2.83 -17.21
N SER A 267 3.84 -1.65 -17.13
CA SER A 267 3.86 -0.89 -15.90
C SER A 267 3.42 0.55 -16.15
N ARG A 268 3.02 1.22 -15.07
CA ARG A 268 2.67 2.63 -15.08
C ARG A 268 3.35 3.32 -13.92
N LEU A 269 3.77 4.57 -14.14
CA LEU A 269 4.31 5.42 -13.10
C LEU A 269 3.34 6.58 -12.90
N ILE A 270 2.63 6.57 -11.79
CA ILE A 270 1.50 7.49 -11.55
C ILE A 270 1.90 8.52 -10.52
N ASP A 271 1.52 9.77 -10.76
CA ASP A 271 1.67 10.82 -9.76
C ASP A 271 0.64 10.61 -8.66
N ALA A 272 1.11 10.31 -7.44
CA ALA A 272 0.20 9.93 -6.36
C ALA A 272 -0.74 11.07 -5.98
N ALA A 273 -0.19 12.28 -5.85
CA ALA A 273 -1.03 13.41 -5.46
C ALA A 273 -2.07 13.74 -6.53
N ASP A 274 -1.75 13.49 -7.80
CA ASP A 274 -2.68 13.82 -8.88
C ASP A 274 -3.85 12.85 -8.93
N ILE A 275 -3.59 11.56 -8.74
CA ILE A 275 -4.68 10.59 -8.80
C ILE A 275 -5.54 10.66 -7.54
N VAL A 276 -4.95 11.03 -6.40
CA VAL A 276 -5.73 11.18 -5.19
C VAL A 276 -6.62 12.42 -5.28
N SER A 277 -6.10 13.50 -5.85
N SER A 277 -6.10 13.50 -5.85
CA SER A 277 -6.94 14.68 -6.10
CA SER A 277 -6.93 14.69 -6.10
C SER A 277 -8.06 14.36 -7.08
C SER A 277 -8.06 14.36 -7.08
N PHE A 278 -7.75 13.58 -8.12
CA PHE A 278 -8.78 13.13 -9.03
C PHE A 278 -9.79 12.23 -8.33
N GLY A 279 -9.34 11.46 -7.34
CA GLY A 279 -10.25 10.57 -6.63
C GLY A 279 -11.21 11.32 -5.73
N ILE A 280 -10.74 12.36 -5.04
CA ILE A 280 -11.61 13.17 -4.20
C ILE A 280 -12.67 13.86 -5.06
N GLU A 281 -12.26 14.42 -6.20
CA GLU A 281 -13.21 15.05 -7.09
C GLU A 281 -14.16 14.02 -7.71
N TRP A 282 -13.66 12.82 -7.99
CA TRP A 282 -14.50 11.76 -8.55
C TRP A 282 -15.62 11.38 -7.57
N LEU A 283 -15.28 11.23 -6.29
CA LEU A 283 -16.27 10.81 -5.31
C LEU A 283 -17.26 11.93 -5.01
N GLU A 284 -16.76 13.15 -4.80
CA GLU A 284 -17.64 14.26 -4.42
C GLU A 284 -18.52 14.72 -5.57
N ALA A 285 -18.17 14.41 -6.81
CA ALA A 285 -19.02 14.76 -7.95
C ALA A 285 -20.17 13.79 -8.15
N ARG A 286 -20.12 12.61 -7.54
CA ARG A 286 -21.12 11.58 -7.74
C ARG A 286 -21.98 11.33 -6.50
N HIS A 287 -21.68 11.98 -5.38
CA HIS A 287 -22.45 11.76 -4.16
C HIS A 287 -22.53 13.07 -3.39
N ALA A 288 -23.70 13.33 -2.81
CA ALA A 288 -23.94 14.58 -2.09
C ALA A 288 -23.12 14.60 -0.80
N ALA A 289 -23.11 15.77 -0.17
CA ALA A 289 -22.38 15.95 1.09
C ALA A 289 -23.25 15.57 2.28
N1A COA B . 10.50 -16.97 -3.46
C2A COA B . 10.29 -17.20 -4.78
N3A COA B . 9.04 -17.12 -5.33
C4A COA B . 7.97 -16.80 -4.54
C5A COA B . 8.16 -16.57 -3.23
C6A COA B . 9.46 -16.67 -2.70
N6A COA B . 9.92 -16.47 -1.36
N7A COA B . 6.98 -16.28 -2.66
C8A COA B . 6.06 -16.34 -3.64
N9A COA B . 6.66 -16.65 -4.79
C1B COA B . 6.07 -16.82 -6.08
C2B COA B . 4.88 -17.33 -5.92
O2B COA B . 4.99 -18.70 -5.54
C3B COA B . 4.32 -17.15 -7.33
O3B COA B . 5.02 -17.89 -8.19
P3B COA B . 4.35 -19.34 -8.74
O7A COA B . 2.88 -19.14 -9.03
O8A COA B . 4.52 -20.43 -7.66
O9A COA B . 5.06 -19.76 -10.00
C4B COA B . 4.67 -15.63 -7.55
O4B COA B . 5.78 -15.42 -6.91
C5B COA B . 3.56 -14.79 -6.94
O5B COA B . 3.61 -13.49 -7.46
P1A COA B . 2.56 -12.37 -6.82
O1A COA B . 2.61 -12.45 -5.31
O2A COA B . 3.01 -11.00 -7.23
O3A COA B . 1.01 -12.70 -7.35
P2A COA B . 0.58 -12.49 -9.00
O4A COA B . -0.20 -13.71 -9.51
O5A COA B . 1.82 -12.32 -9.87
O6A COA B . -0.42 -11.16 -9.12
CBP COA B . -1.35 -9.79 -7.39
CCP COA B . -1.47 -11.09 -8.18
CDP COA B . -0.23 -9.89 -6.41
CEP COA B . -2.62 -9.55 -6.60
CAP COA B . -1.12 -8.62 -8.39
OAP COA B . -2.02 -8.74 -9.40
C9P COA B . -1.34 -7.26 -7.66
O9P COA B . -2.38 -6.67 -7.80
N8P COA B . -0.23 -6.73 -6.79
C7P COA B . -0.46 -5.42 -6.04
C6P COA B . -1.40 -5.80 -4.88
C5P COA B . -1.42 -4.73 -3.77
O5P COA B . -0.53 -3.96 -3.63
N4P COA B . -2.51 -4.70 -2.89
C3P COA B . -2.56 -3.71 -1.84
C2P COA B . -4.07 -3.62 -1.45
S1P COA B . -4.94 -2.87 -2.89
C11 SIS C . -8.67 -5.79 -2.25
C12 SIS C . -7.13 -3.60 2.25
C13 SIS C . -8.54 -5.81 4.16
C21 SIS C . -8.13 -6.11 -3.39
C22 SIS C . -7.54 -2.51 1.21
C23 SIS C . -7.71 -6.25 5.37
C31 SIS C . -9.14 -6.99 -4.39
C32 SIS C . -7.32 -3.05 -0.25
C33 SIS C . -7.10 -7.59 5.08
C41 SIS C . -10.41 -6.51 -4.47
C42 SIS C . -8.21 -4.33 -0.41
C43 SIS C . -8.14 -8.61 4.77
C51 SIS C . -10.95 -5.71 -3.23
C52 SIS C . -8.15 -5.33 0.81
C53 SIS C . -9.11 -8.14 3.65
C61 SIS C . -12.40 -5.71 -2.90
C62 SIS C . -8.11 -4.72 2.19
C83 SIS C . -7.48 -9.93 4.29
C93 SIS C . -4.88 -8.16 5.95
N12 SIS C . -7.06 -3.03 3.61
N21 SIS C . -7.67 -4.88 -4.16
N32 SIS C . -7.73 -2.10 -1.18
N33 SIS C . -6.30 -8.03 6.30
N61 SIS C . -12.78 -4.66 -1.92
O11 SIS C . -7.71 -4.95 -1.55
O23 SIS C . -6.68 -5.30 5.59
O43 SIS C . -8.90 -8.88 5.95
O51 SIS C . -10.05 -4.99 -2.42
O52 SIS C . -9.27 -6.20 0.74
O53 SIS C . -9.63 -6.77 3.88
O62 SIS C . -7.69 -5.77 3.11
#